data_7MRL
#
_entry.id   7MRL
#
_cell.length_a   96.717
_cell.length_b   108.846
_cell.length_c   146.021
_cell.angle_alpha   90.000
_cell.angle_beta   90.000
_cell.angle_gamma   90.000
#
_symmetry.space_group_name_H-M   'I 2 2 2'
#
loop_
_entity.id
_entity.type
_entity.pdbx_description
1 polymer 'HIV-1 matrix domain'
2 polymer 'tRNA Lys3'
3 non-polymer 'MAGNESIUM ION'
#
loop_
_entity_poly.entity_id
_entity_poly.type
_entity_poly.pdbx_seq_one_letter_code
_entity_poly.pdbx_strand_id
1 'polypeptide(L)'
;GARASVLSGGELDKWEKIRLRPGGKKQYKLKHIVWASRELERFAVNPGLLETSEGCRQILGQLQPSLQTGSEELRSLYNT
IAVLYCVHQRIDVKDTKEALDKIEEEQN
;
C,B
2 'polyribonucleotide' ACCCGGAUAGCUCAGUCGGUAGAGCAUCAGACAGGAAACUGUCUGAGGGUCCAGGGUUCAAGUCCCUGUUCGGGU A
#
# COMPACT_ATOMS: atom_id res chain seq x y z
N VAL A 6 -10.81 -19.24 19.85
CA VAL A 6 -11.79 -19.28 18.78
C VAL A 6 -11.28 -20.08 17.58
N LEU A 7 -9.95 -20.15 17.44
CA LEU A 7 -9.30 -20.93 16.38
C LEU A 7 -8.05 -21.57 16.94
N SER A 8 -7.70 -22.73 16.39
CA SER A 8 -6.54 -23.47 16.87
C SER A 8 -5.26 -22.86 16.33
N GLY A 9 -4.12 -23.43 16.73
CA GLY A 9 -2.83 -22.92 16.28
C GLY A 9 -2.58 -23.21 14.81
N GLY A 10 -2.81 -24.46 14.41
CA GLY A 10 -2.61 -24.81 13.00
C GLY A 10 -3.62 -24.14 12.09
N GLU A 11 -4.86 -23.97 12.57
CA GLU A 11 -5.90 -23.32 11.77
C GLU A 11 -5.54 -21.87 11.49
N LEU A 12 -4.94 -21.18 12.46
CA LEU A 12 -4.57 -19.78 12.26
C LEU A 12 -3.64 -19.63 11.06
N ASP A 13 -2.59 -20.45 11.01
CA ASP A 13 -1.65 -20.38 9.89
C ASP A 13 -2.36 -20.59 8.56
N LYS A 14 -3.41 -21.41 8.55
CA LYS A 14 -4.24 -21.53 7.35
C LYS A 14 -5.02 -20.25 7.12
N TRP A 15 -5.72 -19.76 8.15
CA TRP A 15 -6.50 -18.53 8.05
C TRP A 15 -5.67 -17.41 7.44
N GLU A 16 -4.48 -17.19 7.99
CA GLU A 16 -3.65 -16.05 7.62
C GLU A 16 -3.05 -16.17 6.22
N LYS A 17 -3.35 -17.25 5.49
CA LYS A 17 -2.93 -17.42 4.10
C LYS A 17 -4.01 -17.02 3.11
N ILE A 18 -5.25 -16.85 3.56
CA ILE A 18 -6.37 -16.61 2.66
C ILE A 18 -6.48 -15.13 2.34
N ARG A 19 -6.82 -14.82 1.09
CA ARG A 19 -6.98 -13.46 0.61
C ARG A 19 -8.45 -13.07 0.61
N LEU A 20 -8.70 -11.79 0.90
CA LEU A 20 -10.09 -11.30 0.89
C LEU A 20 -10.64 -11.27 -0.52
N ARG A 21 -9.91 -10.67 -1.46
CA ARG A 21 -10.40 -10.63 -2.83
C ARG A 21 -9.65 -11.66 -3.69
N PRO A 22 -10.30 -12.14 -4.77
CA PRO A 22 -9.68 -13.21 -5.57
C PRO A 22 -8.24 -12.92 -5.97
N GLY A 23 -8.00 -11.79 -6.65
CA GLY A 23 -6.66 -11.40 -7.00
C GLY A 23 -6.00 -10.46 -6.02
N GLY A 24 -6.61 -10.24 -4.87
CA GLY A 24 -6.13 -9.21 -3.97
C GLY A 24 -4.76 -9.50 -3.41
N LYS A 25 -4.10 -8.42 -3.00
CA LYS A 25 -2.87 -8.49 -2.25
C LYS A 25 -3.09 -8.31 -0.75
N LYS A 26 -4.35 -8.37 -0.32
CA LYS A 26 -4.72 -8.25 1.09
C LYS A 26 -5.34 -9.55 1.57
N GLN A 27 -4.93 -10.00 2.75
CA GLN A 27 -5.36 -11.28 3.30
C GLN A 27 -5.85 -11.12 4.73
N TYR A 28 -6.57 -12.15 5.20
CA TYR A 28 -7.20 -12.10 6.52
C TYR A 28 -6.15 -12.07 7.63
N LYS A 29 -6.55 -11.49 8.76
CA LYS A 29 -5.66 -11.45 9.90
C LYS A 29 -6.43 -11.87 11.15
N LEU A 30 -5.85 -11.61 12.32
CA LEU A 30 -6.55 -11.92 13.56
C LEU A 30 -7.68 -10.93 13.79
N LYS A 31 -7.45 -9.66 13.48
CA LYS A 31 -8.46 -8.62 13.69
C LYS A 31 -9.81 -9.02 13.13
N HIS A 32 -9.83 -9.81 12.06
CA HIS A 32 -11.10 -10.21 11.48
C HIS A 32 -11.86 -11.14 12.42
N ILE A 33 -11.16 -12.11 13.02
CA ILE A 33 -11.84 -13.02 13.94
C ILE A 33 -12.37 -12.25 15.14
N VAL A 34 -11.51 -11.44 15.76
CA VAL A 34 -11.93 -10.65 16.93
C VAL A 34 -13.16 -9.82 16.58
N TRP A 35 -13.06 -9.02 15.52
CA TRP A 35 -14.17 -8.15 15.13
C TRP A 35 -15.43 -8.96 14.86
N ALA A 36 -15.29 -10.15 14.27
CA ALA A 36 -16.46 -10.95 13.95
C ALA A 36 -17.19 -11.38 15.21
N SER A 37 -16.44 -11.85 16.21
CA SER A 37 -17.08 -12.27 17.46
C SER A 37 -17.80 -11.11 18.14
N ARG A 38 -17.24 -9.90 18.06
CA ARG A 38 -17.92 -8.74 18.61
C ARG A 38 -19.24 -8.49 17.90
N GLU A 39 -19.20 -8.35 16.56
CA GLU A 39 -20.43 -8.13 15.81
C GLU A 39 -21.42 -9.27 15.96
N LEU A 40 -20.96 -10.48 16.29
CA LEU A 40 -21.89 -11.58 16.50
C LEU A 40 -22.80 -11.30 17.69
N GLU A 41 -22.24 -10.77 18.78
CA GLU A 41 -23.06 -10.48 19.95
C GLU A 41 -24.00 -9.31 19.69
N ARG A 42 -23.54 -8.28 18.97
CA ARG A 42 -24.41 -7.15 18.66
C ARG A 42 -25.64 -7.60 17.88
N PHE A 43 -25.56 -8.73 17.16
CA PHE A 43 -26.70 -9.29 16.47
C PHE A 43 -27.41 -10.36 17.30
N ALA A 44 -27.08 -10.48 18.59
CA ALA A 44 -27.74 -11.42 19.49
C ALA A 44 -27.49 -12.85 19.04
N VAL A 45 -26.22 -13.20 18.91
CA VAL A 45 -25.80 -14.55 18.55
C VAL A 45 -24.72 -15.01 19.51
N ASN A 46 -24.72 -16.29 19.80
CA ASN A 46 -23.73 -16.86 20.70
C ASN A 46 -22.38 -16.90 19.98
N PRO A 47 -21.39 -16.11 20.40
CA PRO A 47 -20.07 -16.19 19.75
C PRO A 47 -19.38 -17.53 19.96
N GLY A 48 -19.80 -18.33 20.95
CA GLY A 48 -19.18 -19.62 21.13
C GLY A 48 -19.30 -20.53 19.92
N LEU A 49 -20.33 -20.32 19.10
CA LEU A 49 -20.53 -21.13 17.90
C LEU A 49 -19.44 -20.95 16.86
N LEU A 50 -18.46 -20.09 17.10
CA LEU A 50 -17.44 -19.82 16.09
C LEU A 50 -16.33 -20.86 16.10
N GLU A 51 -16.08 -21.51 17.23
CA GLU A 51 -14.91 -22.38 17.36
C GLU A 51 -15.19 -23.83 16.93
N THR A 52 -16.34 -24.08 16.30
CA THR A 52 -16.63 -25.42 15.79
C THR A 52 -17.21 -25.29 14.40
N SER A 53 -16.94 -26.31 13.57
CA SER A 53 -17.49 -26.31 12.21
C SER A 53 -19.01 -26.32 12.24
N GLU A 54 -19.61 -27.04 13.20
CA GLU A 54 -21.07 -27.10 13.26
C GLU A 54 -21.66 -25.77 13.72
N GLY A 55 -21.03 -25.14 14.71
CA GLY A 55 -21.51 -23.84 15.15
C GLY A 55 -21.65 -22.85 14.00
N CYS A 56 -20.67 -22.86 13.08
CA CYS A 56 -20.73 -21.95 11.94
C CYS A 56 -21.84 -22.35 10.98
N ARG A 57 -22.05 -23.65 10.79
CA ARG A 57 -23.18 -24.10 9.97
C ARG A 57 -24.48 -23.49 10.46
N GLN A 58 -24.69 -23.50 11.78
CA GLN A 58 -25.91 -22.94 12.34
C GLN A 58 -25.98 -21.43 12.12
N ILE A 59 -24.87 -20.73 12.34
CA ILE A 59 -24.87 -19.28 12.17
C ILE A 59 -25.13 -18.94 10.71
N LEU A 60 -24.39 -19.56 9.80
CA LEU A 60 -24.52 -19.24 8.38
C LEU A 60 -25.95 -19.41 7.90
N GLY A 61 -26.59 -20.52 8.28
CA GLY A 61 -27.97 -20.73 7.88
C GLY A 61 -28.92 -19.73 8.51
N GLN A 62 -28.63 -19.30 9.73
CA GLN A 62 -29.48 -18.31 10.39
C GLN A 62 -29.42 -16.95 9.69
N LEU A 63 -28.33 -16.66 8.97
CA LEU A 63 -28.19 -15.38 8.30
C LEU A 63 -28.42 -15.44 6.80
N GLN A 64 -28.52 -16.63 6.21
CA GLN A 64 -28.73 -16.75 4.77
C GLN A 64 -29.90 -15.91 4.27
N PRO A 65 -31.08 -15.92 4.90
CA PRO A 65 -32.21 -15.15 4.37
C PRO A 65 -31.97 -13.65 4.38
N SER A 66 -31.56 -13.12 5.53
CA SER A 66 -31.36 -11.68 5.67
C SER A 66 -30.36 -11.11 4.68
N LEU A 67 -29.60 -11.96 3.98
CA LEU A 67 -28.58 -11.45 3.07
C LEU A 67 -29.17 -10.70 1.90
N GLN A 68 -30.24 -11.25 1.29
CA GLN A 68 -30.80 -10.63 0.10
C GLN A 68 -31.23 -9.20 0.38
N THR A 69 -31.83 -8.96 1.54
CA THR A 69 -32.27 -7.62 1.93
C THR A 69 -31.31 -6.96 2.92
N GLY A 70 -30.20 -7.60 3.24
CA GLY A 70 -29.30 -7.09 4.26
C GLY A 70 -28.42 -5.94 3.79
N SER A 71 -27.80 -5.30 4.77
CA SER A 71 -26.88 -4.20 4.54
C SER A 71 -25.49 -4.73 4.16
N GLU A 72 -24.64 -3.82 3.69
CA GLU A 72 -23.27 -4.18 3.38
C GLU A 72 -22.55 -4.70 4.61
N GLU A 73 -22.84 -4.14 5.78
CA GLU A 73 -22.19 -4.60 7.00
C GLU A 73 -22.54 -6.03 7.33
N LEU A 74 -23.69 -6.51 6.88
CA LEU A 74 -24.07 -7.88 7.17
C LEU A 74 -23.34 -8.86 6.27
N ARG A 75 -23.41 -8.66 4.95
CA ARG A 75 -22.71 -9.54 4.03
C ARG A 75 -21.26 -9.75 4.43
N SER A 76 -20.56 -8.68 4.80
CA SER A 76 -19.19 -8.80 5.28
C SER A 76 -19.08 -9.85 6.37
N LEU A 77 -19.97 -9.78 7.36
CA LEU A 77 -19.97 -10.76 8.45
C LEU A 77 -20.22 -12.16 7.92
N TYR A 78 -21.24 -12.33 7.07
CA TYR A 78 -21.54 -13.64 6.52
C TYR A 78 -20.32 -14.22 5.81
N ASN A 79 -19.59 -13.39 5.07
CA ASN A 79 -18.41 -13.87 4.34
C ASN A 79 -17.35 -14.36 5.29
N THR A 80 -16.99 -13.55 6.29
CA THR A 80 -15.94 -13.94 7.22
C THR A 80 -16.27 -15.26 7.90
N ILE A 81 -17.55 -15.53 8.15
CA ILE A 81 -17.92 -16.78 8.79
C ILE A 81 -17.77 -17.94 7.81
N ALA A 82 -18.14 -17.73 6.55
CA ALA A 82 -17.94 -18.76 5.54
C ALA A 82 -16.48 -19.18 5.46
N VAL A 83 -15.58 -18.21 5.26
CA VAL A 83 -14.15 -18.50 5.23
C VAL A 83 -13.73 -19.25 6.48
N LEU A 84 -14.22 -18.82 7.63
CA LEU A 84 -13.85 -19.47 8.89
C LEU A 84 -14.41 -20.90 8.95
N TYR A 85 -15.52 -21.15 8.25
CA TYR A 85 -16.09 -22.50 8.24
C TYR A 85 -15.20 -23.46 7.47
N CYS A 86 -14.68 -23.04 6.32
CA CYS A 86 -13.82 -23.90 5.52
C CYS A 86 -12.54 -24.27 6.26
N VAL A 87 -12.05 -23.38 7.13
CA VAL A 87 -10.86 -23.69 7.91
C VAL A 87 -11.15 -24.81 8.90
N HIS A 88 -12.28 -24.74 9.60
CA HIS A 88 -12.65 -25.82 10.51
C HIS A 88 -12.82 -27.13 9.76
N GLN A 89 -13.51 -27.10 8.63
CA GLN A 89 -13.71 -28.27 7.79
C GLN A 89 -12.43 -28.71 7.09
N ARG A 90 -11.31 -28.03 7.33
CA ARG A 90 -10.03 -28.34 6.69
C ARG A 90 -10.12 -28.27 5.18
N ILE A 91 -11.11 -27.55 4.65
CA ILE A 91 -11.23 -27.34 3.21
C ILE A 91 -10.27 -26.23 2.81
N ASP A 92 -9.53 -26.45 1.73
CA ASP A 92 -8.50 -25.51 1.28
C ASP A 92 -9.14 -24.47 0.37
N VAL A 93 -8.99 -23.20 0.73
CA VAL A 93 -9.47 -22.09 -0.09
C VAL A 93 -8.44 -20.97 -0.05
N LYS A 94 -8.35 -20.23 -1.16
CA LYS A 94 -7.38 -19.15 -1.30
C LYS A 94 -7.98 -17.75 -1.18
N ASP A 95 -9.29 -17.61 -1.29
CA ASP A 95 -9.90 -16.29 -1.19
C ASP A 95 -11.38 -16.47 -0.85
N THR A 96 -12.00 -15.36 -0.46
CA THR A 96 -13.38 -15.40 0.02
C THR A 96 -14.33 -16.01 -1.02
N LYS A 97 -14.19 -15.58 -2.28
CA LYS A 97 -15.08 -16.10 -3.31
C LYS A 97 -15.09 -17.62 -3.31
N GLU A 98 -13.90 -18.24 -3.29
CA GLU A 98 -13.80 -19.69 -3.27
C GLU A 98 -14.55 -20.29 -2.09
N ALA A 99 -14.42 -19.66 -0.91
CA ALA A 99 -15.13 -20.15 0.27
C ALA A 99 -16.64 -20.17 0.04
N LEU A 100 -17.18 -19.06 -0.47
CA LEU A 100 -18.61 -19.01 -0.73
C LEU A 100 -19.04 -20.07 -1.73
N ASP A 101 -18.17 -20.40 -2.69
CA ASP A 101 -18.52 -21.41 -3.68
C ASP A 101 -18.60 -22.80 -3.07
N LYS A 102 -17.59 -23.18 -2.28
CA LYS A 102 -17.63 -24.49 -1.64
C LYS A 102 -18.82 -24.62 -0.70
N ILE A 103 -19.26 -23.51 -0.10
CA ILE A 103 -20.42 -23.55 0.78
C ILE A 103 -21.71 -23.66 -0.02
N GLU A 104 -21.76 -23.07 -1.20
CA GLU A 104 -22.95 -23.22 -2.02
C GLU A 104 -22.99 -24.57 -2.72
N GLU A 105 -21.83 -25.21 -2.92
CA GLU A 105 -21.82 -26.53 -3.53
C GLU A 105 -22.51 -27.56 -2.64
N GLU A 106 -22.38 -27.40 -1.32
CA GLU A 106 -23.13 -28.25 -0.39
C GLU A 106 -24.62 -27.91 -0.41
N GLN A 107 -24.96 -26.64 -0.63
CA GLN A 107 -26.35 -26.18 -0.65
C GLN A 107 -26.96 -26.20 0.74
N VAL C 6 23.61 15.92 -19.21
CA VAL C 6 23.21 16.40 -17.89
C VAL C 6 23.56 15.39 -16.80
N LEU C 7 23.66 14.12 -17.19
CA LEU C 7 24.01 13.08 -16.24
C LEU C 7 24.93 12.07 -16.92
N SER C 8 25.83 11.49 -16.12
CA SER C 8 26.77 10.53 -16.68
C SER C 8 26.08 9.19 -16.92
N GLY C 9 26.83 8.24 -17.47
CA GLY C 9 26.25 6.94 -17.72
C GLY C 9 26.02 6.15 -16.44
N GLY C 10 27.02 6.14 -15.56
CA GLY C 10 26.87 5.41 -14.31
C GLY C 10 25.84 6.03 -13.38
N GLU C 11 25.79 7.37 -13.36
CA GLU C 11 24.82 8.05 -12.51
C GLU C 11 23.40 7.77 -12.96
N LEU C 12 23.17 7.68 -14.27
CA LEU C 12 21.85 7.36 -14.78
C LEU C 12 21.36 6.03 -14.21
N ASP C 13 22.22 5.01 -14.22
CA ASP C 13 21.82 3.71 -13.71
C ASP C 13 21.32 3.82 -12.27
N LYS C 14 21.95 4.70 -11.48
CA LYS C 14 21.46 4.98 -10.14
C LYS C 14 20.17 5.81 -10.17
N TRP C 15 20.18 6.89 -10.95
CA TRP C 15 19.00 7.75 -11.06
C TRP C 15 17.75 6.94 -11.35
N GLU C 16 17.80 6.09 -12.38
CA GLU C 16 16.59 5.39 -12.78
C GLU C 16 16.18 4.29 -11.82
N LYS C 17 16.92 4.08 -10.73
CA LYS C 17 16.51 3.11 -9.71
C LYS C 17 15.74 3.74 -8.57
N ILE C 18 15.75 5.07 -8.44
CA ILE C 18 15.15 5.74 -7.29
C ILE C 18 13.65 5.91 -7.52
N ARG C 19 12.88 5.76 -6.45
CA ARG C 19 11.43 5.84 -6.51
C ARG C 19 10.97 7.23 -6.14
N LEU C 20 9.89 7.70 -6.79
CA LEU C 20 9.36 9.02 -6.53
C LEU C 20 8.77 9.11 -5.12
N ARG C 21 7.92 8.15 -4.78
CA ARG C 21 7.33 8.05 -3.46
C ARG C 21 8.05 6.97 -2.64
N PRO C 22 8.10 7.10 -1.31
CA PRO C 22 8.88 6.16 -0.51
C PRO C 22 8.58 4.69 -0.83
N GLY C 23 7.32 4.30 -0.73
CA GLY C 23 6.98 2.94 -1.11
C GLY C 23 6.49 2.79 -2.54
N GLY C 24 6.61 3.86 -3.33
CA GLY C 24 6.00 3.88 -4.64
C GLY C 24 6.58 2.83 -5.57
N LYS C 25 5.78 2.46 -6.54
CA LYS C 25 6.21 1.56 -7.62
C LYS C 25 6.60 2.32 -8.89
N LYS C 26 6.73 3.64 -8.80
CA LYS C 26 7.12 4.49 -9.91
C LYS C 26 8.50 5.05 -9.63
N GLN C 27 9.35 5.08 -10.67
CA GLN C 27 10.74 5.48 -10.50
C GLN C 27 11.10 6.58 -11.49
N TYR C 28 12.22 7.25 -11.21
CA TYR C 28 12.67 8.37 -12.03
C TYR C 28 13.16 7.91 -13.40
N LYS C 29 13.01 8.78 -14.38
CA LYS C 29 13.48 8.51 -15.73
C LYS C 29 14.13 9.78 -16.27
N LEU C 30 14.31 9.83 -17.59
CA LEU C 30 14.90 11.01 -18.22
C LEU C 30 13.90 12.16 -18.27
N LYS C 31 12.64 11.88 -18.60
CA LYS C 31 11.65 12.94 -18.73
C LYS C 31 11.66 13.88 -17.53
N HIS C 32 11.99 13.36 -16.34
CA HIS C 32 12.03 14.22 -15.16
C HIS C 32 13.18 15.20 -15.22
N ILE C 33 14.38 14.73 -15.60
CA ILE C 33 15.52 15.64 -15.68
C ILE C 33 15.26 16.68 -16.77
N VAL C 34 14.78 16.22 -17.93
CA VAL C 34 14.45 17.15 -19.02
C VAL C 34 13.49 18.22 -18.51
N TRP C 35 12.36 17.79 -17.93
CA TRP C 35 11.34 18.74 -17.49
C TRP C 35 11.90 19.73 -16.49
N ALA C 36 12.79 19.29 -15.61
CA ALA C 36 13.36 20.19 -14.60
C ALA C 36 14.22 21.26 -15.26
N SER C 37 15.07 20.89 -16.21
CA SER C 37 15.90 21.87 -16.89
C SER C 37 15.02 22.87 -17.66
N ARG C 38 13.91 22.40 -18.23
CA ARG C 38 13.00 23.30 -18.94
C ARG C 38 12.45 24.37 -18.02
N GLU C 39 11.87 23.96 -16.89
CA GLU C 39 11.36 24.93 -15.92
C GLU C 39 12.47 25.83 -15.41
N LEU C 40 13.71 25.34 -15.42
CA LEU C 40 14.85 26.17 -15.01
C LEU C 40 15.07 27.33 -15.98
N GLU C 41 14.92 27.06 -17.28
CA GLU C 41 15.17 28.11 -18.27
C GLU C 41 14.12 29.21 -18.17
N ARG C 42 12.86 28.83 -17.96
CA ARG C 42 11.80 29.83 -17.85
C ARG C 42 12.04 30.77 -16.67
N PHE C 43 12.76 30.32 -15.65
CA PHE C 43 13.09 31.15 -14.51
C PHE C 43 14.42 31.86 -14.65
N ALA C 44 15.03 31.81 -15.83
CA ALA C 44 16.30 32.50 -16.10
C ALA C 44 17.43 31.94 -15.23
N VAL C 45 17.61 30.62 -15.34
CA VAL C 45 18.70 29.93 -14.65
C VAL C 45 19.43 29.05 -15.64
N ASN C 46 20.74 28.93 -15.47
CA ASN C 46 21.55 28.11 -16.36
C ASN C 46 21.28 26.63 -16.13
N PRO C 47 20.68 25.92 -17.09
CA PRO C 47 20.49 24.47 -16.90
C PRO C 47 21.80 23.73 -16.79
N GLY C 48 22.90 24.32 -17.24
CA GLY C 48 24.20 23.68 -17.10
C GLY C 48 24.58 23.41 -15.66
N LEU C 49 24.01 24.15 -14.71
CA LEU C 49 24.31 23.92 -13.31
C LEU C 49 23.81 22.58 -12.82
N LEU C 50 23.16 21.78 -13.68
CA LEU C 50 22.58 20.52 -13.26
C LEU C 50 23.61 19.39 -13.25
N GLU C 51 24.64 19.46 -14.08
CA GLU C 51 25.61 18.37 -14.23
C GLU C 51 26.76 18.44 -13.23
N THR C 52 26.62 19.25 -12.18
CA THR C 52 27.66 19.38 -11.18
C THR C 52 27.05 19.28 -9.78
N SER C 53 27.83 18.73 -8.85
CA SER C 53 27.37 18.64 -7.47
C SER C 53 27.13 20.02 -6.87
N GLU C 54 27.98 21.00 -7.21
CA GLU C 54 27.80 22.34 -6.69
C GLU C 54 26.61 23.04 -7.36
N GLY C 55 26.46 22.87 -8.68
CA GLY C 55 25.37 23.52 -9.38
C GLY C 55 24.01 23.26 -8.75
N CYS C 56 23.76 22.02 -8.33
CA CYS C 56 22.49 21.71 -7.68
C CYS C 56 22.44 22.30 -6.28
N ARG C 57 23.55 22.24 -5.55
CA ARG C 57 23.61 22.88 -4.23
C ARG C 57 23.25 24.36 -4.31
N GLN C 58 23.75 25.05 -5.33
CA GLN C 58 23.47 26.48 -5.49
C GLN C 58 21.99 26.72 -5.78
N ILE C 59 21.39 25.92 -6.66
CA ILE C 59 19.98 26.11 -6.99
C ILE C 59 19.11 25.81 -5.77
N LEU C 60 19.35 24.68 -5.11
CA LEU C 60 18.50 24.29 -3.99
C LEU C 60 18.44 25.37 -2.92
N GLY C 61 19.59 25.95 -2.57
CA GLY C 61 19.59 27.04 -1.62
C GLY C 61 18.94 28.29 -2.16
N GLN C 62 19.06 28.53 -3.47
CA GLN C 62 18.45 29.68 -4.12
C GLN C 62 16.93 29.65 -4.08
N LEU C 63 16.33 28.46 -3.97
CA LEU C 63 14.88 28.31 -3.97
C LEU C 63 14.30 28.07 -2.58
N GLN C 64 15.14 27.88 -1.57
CA GLN C 64 14.65 27.65 -0.21
C GLN C 64 13.60 28.66 0.24
N PRO C 65 13.79 29.98 0.03
CA PRO C 65 12.81 30.95 0.52
C PRO C 65 11.46 30.84 -0.17
N SER C 66 11.48 30.82 -1.50
CA SER C 66 10.25 30.80 -2.30
C SER C 66 9.36 29.61 -1.97
N LEU C 67 9.84 28.65 -1.18
CA LEU C 67 9.09 27.42 -0.97
C LEU C 67 7.78 27.68 -0.22
N GLN C 68 7.82 28.46 0.86
CA GLN C 68 6.62 28.64 1.67
C GLN C 68 5.46 29.20 0.85
N THR C 69 5.74 30.15 -0.04
CA THR C 69 4.70 30.77 -0.86
C THR C 69 4.65 30.18 -2.26
N GLY C 70 5.46 29.16 -2.55
CA GLY C 70 5.53 28.63 -3.89
C GLY C 70 4.35 27.75 -4.26
N SER C 71 4.26 27.47 -5.55
CA SER C 71 3.21 26.63 -6.10
C SER C 71 3.55 25.16 -5.86
N GLU C 72 2.54 24.30 -6.08
CA GLU C 72 2.79 22.87 -5.99
C GLU C 72 3.82 22.43 -7.03
N GLU C 73 3.76 23.03 -8.22
CA GLU C 73 4.71 22.69 -9.27
C GLU C 73 6.13 23.09 -8.91
N LEU C 74 6.31 24.05 -7.99
CA LEU C 74 7.65 24.43 -7.54
C LEU C 74 8.24 23.39 -6.59
N ARG C 75 7.48 23.00 -5.56
CA ARG C 75 7.92 21.93 -4.68
C ARG C 75 8.43 20.74 -5.49
N SER C 76 7.66 20.35 -6.50
CA SER C 76 8.06 19.26 -7.38
C SER C 76 9.47 19.49 -7.94
N LEU C 77 9.72 20.68 -8.47
CA LEU C 77 11.04 20.98 -9.02
C LEU C 77 12.12 20.91 -7.95
N TYR C 78 11.87 21.52 -6.80
CA TYR C 78 12.86 21.47 -5.72
C TYR C 78 13.20 20.04 -5.33
N ASN C 79 12.20 19.17 -5.27
CA ASN C 79 12.44 17.77 -4.93
C ASN C 79 13.26 17.07 -6.01
N THR C 80 12.85 17.21 -7.28
CA THR C 80 13.58 16.56 -8.35
C THR C 80 15.04 16.98 -8.37
N ILE C 81 15.34 18.23 -7.98
CA ILE C 81 16.71 18.69 -7.95
C ILE C 81 17.47 18.08 -6.77
N ALA C 82 16.81 17.97 -5.63
CA ALA C 82 17.44 17.34 -4.46
C ALA C 82 17.92 15.94 -4.80
N VAL C 83 17.03 15.10 -5.32
CA VAL C 83 17.41 13.76 -5.73
C VAL C 83 18.61 13.80 -6.68
N LEU C 84 18.60 14.76 -7.62
CA LEU C 84 19.70 14.86 -8.57
C LEU C 84 21.00 15.24 -7.86
N TYR C 85 20.91 15.96 -6.73
CA TYR C 85 22.11 16.29 -5.98
C TYR C 85 22.70 15.07 -5.30
N CYS C 86 21.87 14.24 -4.67
CA CYS C 86 22.38 13.06 -3.99
C CYS C 86 23.02 12.07 -4.96
N VAL C 87 22.51 12.02 -6.20
CA VAL C 87 23.13 11.15 -7.20
C VAL C 87 24.52 11.68 -7.57
N HIS C 88 24.62 12.99 -7.80
CA HIS C 88 25.91 13.58 -8.10
C HIS C 88 26.89 13.36 -6.95
N GLN C 89 26.43 13.61 -5.72
CA GLN C 89 27.25 13.38 -4.54
C GLN C 89 27.49 11.90 -4.24
N ARG C 90 26.99 11.00 -5.07
CA ARG C 90 27.13 9.55 -4.84
C ARG C 90 26.55 9.13 -3.49
N ILE C 91 25.63 9.94 -2.96
CA ILE C 91 24.91 9.59 -1.73
C ILE C 91 23.79 8.62 -2.08
N ASP C 92 23.65 7.57 -1.27
CA ASP C 92 22.68 6.51 -1.57
C ASP C 92 21.31 6.87 -1.02
N VAL C 93 20.31 6.90 -1.90
CA VAL C 93 18.93 7.17 -1.52
C VAL C 93 18.03 6.26 -2.34
N LYS C 94 16.91 5.84 -1.75
CA LYS C 94 15.99 4.93 -2.41
C LYS C 94 14.74 5.63 -2.94
N ASP C 95 14.47 6.85 -2.50
CA ASP C 95 13.27 7.57 -2.90
C ASP C 95 13.45 9.04 -2.58
N THR C 96 12.54 9.86 -3.12
CA THR C 96 12.65 11.31 -2.94
C THR C 96 12.69 11.70 -1.46
N LYS C 97 11.86 11.06 -0.65
CA LYS C 97 11.82 11.38 0.77
C LYS C 97 13.20 11.34 1.40
N GLU C 98 13.94 10.25 1.17
CA GLU C 98 15.28 10.13 1.73
C GLU C 98 16.17 11.28 1.31
N ALA C 99 16.09 11.69 0.04
CA ALA C 99 16.90 12.79 -0.44
C ALA C 99 16.65 14.05 0.38
N LEU C 100 15.37 14.38 0.59
CA LEU C 100 15.04 15.55 1.40
C LEU C 100 15.61 15.42 2.81
N ASP C 101 15.62 14.20 3.36
CA ASP C 101 16.14 13.98 4.70
C ASP C 101 17.65 14.18 4.73
N LYS C 102 18.36 13.54 3.80
CA LYS C 102 19.81 13.65 3.77
C LYS C 102 20.27 15.09 3.58
N ILE C 103 19.46 15.91 2.93
CA ILE C 103 19.83 17.32 2.76
C ILE C 103 19.67 18.10 4.05
N GLU C 104 18.69 17.74 4.88
CA GLU C 104 18.51 18.40 6.18
C GLU C 104 19.47 17.87 7.24
N GLU C 105 19.95 16.63 7.08
CA GLU C 105 20.84 16.06 8.09
C GLU C 105 22.14 16.85 8.22
N GLU C 106 22.59 17.52 7.16
CA GLU C 106 23.78 18.34 7.24
C GLU C 106 23.59 19.51 8.21
#